data_2BNJ
#
_entry.id   2BNJ
#
_cell.length_a   88.224
_cell.length_b   49.462
_cell.length_c   77.384
_cell.angle_alpha   90.00
_cell.angle_beta   125.38
_cell.angle_gamma   90.00
#
_symmetry.space_group_name_H-M   'C 1 2 1'
#
loop_
_entity.id
_entity.type
_entity.pdbx_description
1 polymer ENDO-1,4-BETA-XYLANASE
2 branched alpha-L-arabinofuranose-(1-3)-beta-D-xylopyranose-(1-4)-beta-D-xylopyranose
3 non-polymer '3-(4-HYDROXY-3-METHOXYPHENYL)-2-PROPENOIC ACID'
4 water water
#
_entity_poly.entity_id   1
_entity_poly.type   'polypeptide(L)'
_entity_poly.pdbx_seq_one_letter_code
;(PCA)AAQSVDQLIKARGKVYFGVATDQNRLTTGKNAAIIQANFGQVTPENSMKWDATEPSQGNFNFAGADYLVNWAQQN
GKLIRGHTLVWHSQLPSWVSSITDKNTLTNVMKNHITTLMTRYKGKIRAWDVVNEAFNEDGSLRQTVFLNVIGEDYIPIA
FQTARAADPNAKLYINDYNLDSASYPKTQAIVNRVKKWRAAGVPIDGIGSQTHLSAGQGAGVLQALPLLASAGTPEVAIT
ELDVAGASPTDYVNVVNACLNVSSCVGITVWGVADPDSWRASTTPLLFDGNFNPKPAYNAIVQNLQQ
;
_entity_poly.pdbx_strand_id   A
#
loop_
_chem_comp.id
_chem_comp.type
_chem_comp.name
_chem_comp.formula
AHR L-saccharide, alpha linking alpha-L-arabinofuranose 'C5 H10 O5'
FER non-polymer '3-(4-HYDROXY-3-METHOXYPHENYL)-2-PROPENOIC ACID' 'C10 H10 O4'
XYP D-saccharide, beta linking beta-D-xylopyranose 'C5 H10 O5'
#
# COMPACT_ATOMS: atom_id res chain seq x y z
N PCA A 1 -19.15 12.30 6.55
CA PCA A 1 -17.98 13.14 6.69
CB PCA A 1 -18.10 14.32 5.74
CG PCA A 1 -18.96 13.78 4.60
CD PCA A 1 -19.74 12.68 5.29
OE PCA A 1 -20.78 12.15 4.85
C PCA A 1 -17.87 13.56 8.15
O PCA A 1 -18.81 14.14 8.70
N ALA A 2 -16.75 13.22 8.78
CA ALA A 2 -16.50 13.62 10.15
C ALA A 2 -16.00 15.03 10.11
N ALA A 3 -16.47 15.80 11.06
CA ALA A 3 -16.05 17.19 11.29
C ALA A 3 -14.56 17.40 11.27
N GLN A 4 -13.83 16.62 12.05
CA GLN A 4 -12.38 16.77 12.03
C GLN A 4 -11.83 15.81 11.00
N SER A 5 -10.91 16.33 10.19
CA SER A 5 -10.21 15.56 9.16
C SER A 5 -8.89 15.00 9.67
N VAL A 6 -8.75 13.68 9.68
CA VAL A 6 -7.48 13.07 10.07
C VAL A 6 -6.34 13.43 9.11
N ASP A 7 -6.64 13.63 7.83
CA ASP A 7 -5.59 14.06 6.91
C ASP A 7 -5.12 15.47 7.26
N GLN A 8 -6.05 16.39 7.48
CA GLN A 8 -5.67 17.75 7.90
C GLN A 8 -4.82 17.70 9.16
N LEU A 9 -5.25 16.91 10.13
CA LEU A 9 -4.57 16.86 11.44
C LEU A 9 -3.24 16.17 11.37
N ILE A 10 -3.09 15.19 10.48
CA ILE A 10 -1.78 14.55 10.34
C ILE A 10 -0.81 15.48 9.59
N LYS A 11 -1.31 16.25 8.62
CA LYS A 11 -0.49 17.30 7.99
C LYS A 11 -0.02 18.35 9.01
N ALA A 12 -0.88 18.65 10.00
CA ALA A 12 -0.52 19.61 11.05
C ALA A 12 0.60 19.04 11.94
N ARG A 13 0.79 17.71 11.91
CA ARG A 13 1.87 17.04 12.63
C ARG A 13 3.08 16.73 11.72
N GLY A 14 3.07 17.32 10.53
CA GLY A 14 4.17 17.23 9.59
C GLY A 14 4.26 16.00 8.69
N LYS A 15 3.20 15.19 8.70
CA LYS A 15 3.12 14.05 7.78
C LYS A 15 2.52 14.45 6.44
N VAL A 16 2.70 13.58 5.45
CA VAL A 16 2.28 13.89 4.08
C VAL A 16 0.78 13.68 3.86
N TYR A 17 0.23 12.60 4.41
CA TYR A 17 -1.17 12.26 4.14
C TYR A 17 -1.72 11.24 5.13
N PHE A 18 -3.04 11.23 5.24
CA PHE A 18 -3.80 10.11 5.80
C PHE A 18 -4.82 9.81 4.72
N GLY A 19 -4.77 8.58 4.19
CA GLY A 19 -5.59 8.22 3.04
C GLY A 19 -6.36 6.92 3.22
N VAL A 20 -7.01 6.48 2.14
CA VAL A 20 -7.83 5.26 2.16
C VAL A 20 -7.76 4.53 0.82
N ALA A 21 -8.03 3.23 0.86
CA ALA A 21 -8.27 2.46 -0.36
C ALA A 21 -9.67 2.78 -0.89
N THR A 22 -9.79 2.91 -2.20
CA THR A 22 -11.10 3.10 -2.83
C THR A 22 -11.01 2.72 -4.32
N ASP A 23 -12.10 2.95 -5.03
CA ASP A 23 -12.17 2.71 -6.47
C ASP A 23 -13.51 3.22 -6.96
N GLN A 24 -13.75 3.13 -8.28
CA GLN A 24 -14.98 3.63 -8.87
C GLN A 24 -16.22 3.07 -8.18
N ASN A 25 -16.21 1.78 -7.82
CA ASN A 25 -17.39 1.19 -7.20
C ASN A 25 -17.83 1.94 -5.94
N ARG A 26 -16.86 2.27 -5.09
CA ARG A 26 -17.15 2.97 -3.83
C ARG A 26 -17.37 4.48 -4.06
N LEU A 27 -16.61 5.08 -4.97
CA LEU A 27 -16.71 6.53 -5.21
C LEU A 27 -18.07 6.91 -5.75
N THR A 28 -18.76 5.97 -6.39
CA THR A 28 -20.07 6.26 -6.98
C THR A 28 -21.23 5.63 -6.23
N THR A 29 -21.02 5.31 -4.93
CA THR A 29 -22.08 4.84 -4.06
C THR A 29 -21.94 5.41 -2.64
N GLY A 30 -23.06 5.47 -1.92
CA GLY A 30 -23.05 5.89 -0.50
C GLY A 30 -22.41 7.25 -0.32
N LYS A 31 -21.72 7.40 0.81
CA LYS A 31 -21.10 8.67 1.19
C LYS A 31 -19.58 8.60 1.08
N ASN A 32 -19.06 7.60 0.37
CA ASN A 32 -17.61 7.44 0.32
C ASN A 32 -16.89 8.65 -0.26
N ALA A 33 -17.37 9.16 -1.39
CA ALA A 33 -16.66 10.26 -2.06
C ALA A 33 -16.65 11.48 -1.12
N ALA A 34 -17.78 11.74 -0.48
CA ALA A 34 -17.85 12.91 0.41
C ALA A 34 -16.94 12.78 1.62
N ILE A 35 -16.87 11.56 2.16
CA ILE A 35 -15.97 11.30 3.28
C ILE A 35 -14.50 11.48 2.87
N ILE A 36 -14.15 10.92 1.71
CA ILE A 36 -12.78 11.05 1.23
C ILE A 36 -12.45 12.54 0.97
N GLN A 37 -13.37 13.26 0.33
CA GLN A 37 -13.16 14.68 0.08
C GLN A 37 -12.85 15.42 1.37
N ALA A 38 -13.63 15.15 2.42
CA ALA A 38 -13.50 15.85 3.69
C ALA A 38 -12.32 15.45 4.54
N ASN A 39 -12.07 14.14 4.62
CA ASN A 39 -11.29 13.59 5.71
C ASN A 39 -9.97 12.94 5.33
N PHE A 40 -9.75 12.72 4.06
CA PHE A 40 -8.56 11.98 3.60
C PHE A 40 -7.85 12.75 2.50
N GLY A 41 -6.55 12.53 2.36
CA GLY A 41 -5.75 13.29 1.39
C GLY A 41 -5.03 12.47 0.33
N GLN A 42 -5.37 11.19 0.30
CA GLN A 42 -4.65 10.22 -0.54
C GLN A 42 -5.57 9.00 -0.73
N VAL A 43 -5.45 8.40 -1.91
CA VAL A 43 -6.20 7.18 -2.23
C VAL A 43 -5.27 6.14 -2.85
N THR A 44 -5.56 4.89 -2.53
CA THR A 44 -4.97 3.72 -3.21
C THR A 44 -6.11 2.98 -3.92
N PRO A 45 -5.90 2.57 -5.17
CA PRO A 45 -6.93 1.76 -5.81
C PRO A 45 -6.96 0.42 -5.10
N GLU A 46 -8.12 0.06 -4.55
CA GLU A 46 -8.26 -1.20 -3.83
C GLU A 46 -8.04 -2.39 -4.76
N ASN A 47 -8.35 -2.20 -6.04
CA ASN A 47 -8.23 -3.29 -7.03
C ASN A 47 -7.91 -2.91 -8.47
N SER A 48 -8.23 -1.69 -8.87
CA SER A 48 -8.27 -1.37 -10.30
C SER A 48 -6.88 -1.26 -10.97
N MET A 49 -5.82 -1.24 -10.16
CA MET A 49 -4.45 -1.25 -10.73
C MET A 49 -3.72 -2.56 -10.62
N LYS A 50 -4.40 -3.60 -10.13
CA LYS A 50 -3.81 -4.93 -10.05
C LYS A 50 -3.73 -5.56 -11.43
N TRP A 51 -2.96 -6.64 -11.52
CA TRP A 51 -2.67 -7.22 -12.85
C TRP A 51 -3.95 -7.80 -13.49
N ASP A 52 -4.79 -8.48 -12.70
CA ASP A 52 -6.04 -9.04 -13.24
C ASP A 52 -6.91 -7.96 -13.86
N ALA A 53 -6.97 -6.80 -13.20
CA ALA A 53 -7.81 -5.69 -13.65
C ALA A 53 -7.23 -5.00 -14.90
N THR A 54 -5.90 -4.83 -14.93
CA THR A 54 -5.26 -3.99 -15.93
C THR A 54 -4.76 -4.72 -17.17
N GLU A 55 -4.39 -6.00 -17.03
CA GLU A 55 -3.85 -6.74 -18.19
C GLU A 55 -4.41 -8.16 -18.19
N PRO A 56 -5.73 -8.27 -18.36
CA PRO A 56 -6.39 -9.56 -18.29
C PRO A 56 -5.99 -10.54 -19.39
N SER A 57 -5.53 -9.99 -20.50
CA SER A 57 -4.88 -10.75 -21.55
C SER A 57 -3.65 -9.95 -21.92
N GLN A 58 -2.60 -10.66 -22.29
CA GLN A 58 -1.31 -10.03 -22.55
C GLN A 58 -1.42 -8.95 -23.59
N GLY A 59 -0.91 -7.77 -23.26
CA GLY A 59 -0.90 -6.65 -24.20
C GLY A 59 -2.26 -6.06 -24.53
N ASN A 60 -3.31 -6.52 -23.83
CA ASN A 60 -4.67 -6.02 -23.99
C ASN A 60 -5.09 -5.38 -22.66
N PHE A 61 -4.65 -4.14 -22.47
CA PHE A 61 -4.81 -3.46 -21.18
C PHE A 61 -6.21 -2.90 -21.01
N ASN A 62 -6.63 -2.84 -19.74
CA ASN A 62 -7.92 -2.26 -19.37
C ASN A 62 -7.67 -1.20 -18.31
N PHE A 63 -7.65 0.05 -18.74
CA PHE A 63 -7.36 1.15 -17.83
C PHE A 63 -8.61 1.89 -17.36
N ALA A 64 -9.81 1.44 -17.73
CA ALA A 64 -10.99 2.22 -17.40
C ALA A 64 -11.09 2.51 -15.88
N GLY A 65 -11.00 1.47 -15.04
CA GLY A 65 -11.11 1.66 -13.61
C GLY A 65 -9.99 2.50 -13.04
N ALA A 66 -8.76 2.21 -13.45
CA ALA A 66 -7.60 2.94 -12.94
C ALA A 66 -7.66 4.41 -13.35
N ASP A 67 -8.04 4.68 -14.60
CA ASP A 67 -8.19 6.05 -15.06
C ASP A 67 -9.26 6.78 -14.22
N TYR A 68 -10.37 6.10 -13.91
CA TYR A 68 -11.44 6.71 -13.11
C TYR A 68 -10.86 7.17 -11.78
N LEU A 69 -10.13 6.27 -11.12
CA LEU A 69 -9.52 6.59 -9.82
C LEU A 69 -8.53 7.76 -9.89
N VAL A 70 -7.64 7.71 -10.87
CA VAL A 70 -6.62 8.76 -11.00
C VAL A 70 -7.27 10.10 -11.31
N ASN A 71 -8.22 10.09 -12.24
CA ASN A 71 -8.91 11.34 -12.58
CA ASN A 71 -8.92 11.31 -12.57
C ASN A 71 -9.68 11.90 -11.38
N TRP A 72 -10.42 11.04 -10.67
CA TRP A 72 -11.14 11.49 -9.48
C TRP A 72 -10.18 12.08 -8.44
N ALA A 73 -9.07 11.37 -8.21
CA ALA A 73 -8.07 11.87 -7.26
C ALA A 73 -7.56 13.25 -7.66
N GLN A 74 -7.15 13.40 -8.92
CA GLN A 74 -6.61 14.68 -9.38
C GLN A 74 -7.65 15.80 -9.28
N GLN A 75 -8.88 15.50 -9.64
CA GLN A 75 -9.97 16.49 -9.57
C GLN A 75 -10.26 16.95 -8.15
N ASN A 76 -9.96 16.08 -7.18
CA ASN A 76 -10.29 16.33 -5.78
C ASN A 76 -9.07 16.56 -4.89
N GLY A 77 -7.90 16.71 -5.51
CA GLY A 77 -6.69 17.10 -4.81
C GLY A 77 -6.15 16.02 -3.89
N LYS A 78 -6.36 14.76 -4.29
CA LYS A 78 -5.87 13.65 -3.49
C LYS A 78 -4.64 13.01 -4.12
N LEU A 79 -3.66 12.70 -3.29
CA LEU A 79 -2.49 11.96 -3.74
C LEU A 79 -2.86 10.52 -4.07
N ILE A 80 -2.01 9.88 -4.86
CA ILE A 80 -2.26 8.51 -5.30
C ILE A 80 -1.08 7.61 -5.00
N ARG A 81 -1.35 6.44 -4.40
CA ARG A 81 -0.37 5.33 -4.37
C ARG A 81 -0.85 4.27 -5.36
N GLY A 82 -0.05 3.97 -6.37
CA GLY A 82 -0.33 2.89 -7.28
C GLY A 82 -0.09 1.54 -6.62
N HIS A 83 -0.95 0.59 -6.94
CA HIS A 83 -0.96 -0.69 -6.26
C HIS A 83 -1.59 -1.73 -7.17
N THR A 84 -0.91 -2.83 -7.55
CA THR A 84 0.49 -3.17 -7.26
C THR A 84 1.00 -3.92 -8.49
N LEU A 85 2.28 -3.72 -8.83
CA LEU A 85 2.77 -4.12 -10.16
C LEU A 85 3.16 -5.59 -10.30
N VAL A 86 3.87 -6.12 -9.31
CA VAL A 86 4.35 -7.50 -9.35
C VAL A 86 3.90 -8.20 -8.08
N TRP A 87 3.08 -9.24 -8.25
CA TRP A 87 2.42 -9.91 -7.14
C TRP A 87 1.88 -11.24 -7.65
N HIS A 88 1.90 -12.25 -6.79
CA HIS A 88 1.47 -13.60 -7.18
C HIS A 88 -0.05 -13.80 -7.10
N SER A 89 -0.73 -12.92 -6.38
CA SER A 89 -2.18 -13.00 -6.26
C SER A 89 -2.84 -12.08 -7.27
N GLN A 90 -4.11 -12.35 -7.58
CA GLN A 90 -4.83 -11.59 -8.59
C GLN A 90 -4.02 -11.45 -9.89
N LEU A 91 -3.40 -12.57 -10.26
CA LEU A 91 -2.52 -12.67 -11.41
C LEU A 91 -3.18 -13.56 -12.44
N PRO A 92 -3.38 -13.06 -13.67
CA PRO A 92 -3.97 -13.90 -14.71
C PRO A 92 -3.19 -15.16 -15.01
N SER A 93 -3.91 -16.22 -15.39
CA SER A 93 -3.27 -17.49 -15.69
C SER A 93 -2.30 -17.39 -16.86
N TRP A 94 -2.53 -16.45 -17.79
CA TRP A 94 -1.57 -16.29 -18.90
C TRP A 94 -0.16 -15.95 -18.40
N VAL A 95 -0.06 -15.28 -17.25
CA VAL A 95 1.24 -14.96 -16.69
C VAL A 95 1.83 -16.16 -15.94
N SER A 96 1.03 -16.75 -15.06
CA SER A 96 1.55 -17.78 -14.17
C SER A 96 1.86 -19.08 -14.94
N SER A 97 1.35 -19.22 -16.16
CA SER A 97 1.68 -20.38 -17.01
C SER A 97 2.98 -20.24 -17.82
N ILE A 98 3.59 -19.05 -17.77
CA ILE A 98 4.85 -18.82 -18.49
C ILE A 98 6.01 -19.52 -17.76
N THR A 99 6.82 -20.28 -18.50
CA THR A 99 7.96 -20.96 -17.94
C THR A 99 9.31 -20.50 -18.47
N ASP A 100 9.30 -19.60 -19.46
CA ASP A 100 10.51 -19.15 -20.11
C ASP A 100 10.98 -17.85 -19.48
N LYS A 101 12.25 -17.83 -19.04
CA LYS A 101 12.84 -16.68 -18.35
C LYS A 101 12.73 -15.38 -19.14
N ASN A 102 13.14 -15.37 -20.40
CA ASN A 102 13.09 -14.13 -21.17
C ASN A 102 11.65 -13.67 -21.39
N THR A 103 10.77 -14.62 -21.69
CA THR A 103 9.35 -14.30 -21.91
C THR A 103 8.77 -13.59 -20.68
N LEU A 104 8.99 -14.18 -19.51
CA LEU A 104 8.39 -13.58 -18.28
C LEU A 104 9.06 -12.27 -17.93
N THR A 105 10.38 -12.19 -18.11
CA THR A 105 11.10 -10.95 -17.82
C THR A 105 10.50 -9.81 -18.65
N ASN A 106 10.31 -10.07 -19.93
CA ASN A 106 9.83 -9.04 -20.85
C ASN A 106 8.36 -8.68 -20.55
N VAL A 107 7.58 -9.69 -20.17
CA VAL A 107 6.18 -9.49 -19.77
C VAL A 107 6.12 -8.58 -18.54
N MET A 108 6.92 -8.92 -17.55
CA MET A 108 6.94 -8.17 -16.29
C MET A 108 7.38 -6.73 -16.52
N LYS A 109 8.47 -6.56 -17.26
CA LYS A 109 8.93 -5.21 -17.58
C LYS A 109 7.86 -4.44 -18.33
N ASN A 110 7.20 -5.08 -19.30
CA ASN A 110 6.18 -4.37 -20.07
C ASN A 110 5.02 -3.95 -19.18
N HIS A 111 4.63 -4.85 -18.28
CA HIS A 111 3.51 -4.56 -17.39
C HIS A 111 3.83 -3.35 -16.50
N ILE A 112 5.02 -3.39 -15.90
CA ILE A 112 5.47 -2.26 -15.08
C ILE A 112 5.52 -0.95 -15.89
N THR A 113 6.19 -1.00 -17.03
CA THR A 113 6.49 0.22 -17.76
C THR A 113 5.18 0.82 -18.28
N THR A 114 4.27 -0.04 -18.74
CA THR A 114 3.03 0.44 -19.35
C THR A 114 2.19 1.19 -18.32
N LEU A 115 1.99 0.59 -17.15
CA LEU A 115 1.19 1.25 -16.10
C LEU A 115 1.83 2.52 -15.58
N MET A 116 3.12 2.45 -15.29
CA MET A 116 3.81 3.61 -14.72
C MET A 116 3.94 4.76 -15.72
N THR A 117 4.12 4.44 -17.01
CA THR A 117 4.21 5.49 -18.04
C THR A 117 2.85 6.16 -18.25
N ARG A 118 1.78 5.39 -18.18
CA ARG A 118 0.45 5.96 -18.42
C ARG A 118 0.17 7.08 -17.43
N TYR A 119 0.59 6.85 -16.18
CA TYR A 119 0.33 7.81 -15.08
C TYR A 119 1.57 8.60 -14.68
N LYS A 120 2.56 8.68 -15.58
CA LYS A 120 3.85 9.26 -15.25
C LYS A 120 3.67 10.64 -14.68
N GLY A 121 4.34 10.90 -13.56
CA GLY A 121 4.31 12.21 -12.90
C GLY A 121 3.06 12.50 -12.07
N LYS A 122 2.13 11.55 -12.00
CA LYS A 122 0.86 11.77 -11.29
C LYS A 122 0.76 10.97 -9.98
N ILE A 123 1.74 10.09 -9.74
CA ILE A 123 1.63 9.07 -8.70
C ILE A 123 2.74 9.25 -7.66
N ARG A 124 2.40 9.38 -6.39
CA ARG A 124 3.42 9.65 -5.37
C ARG A 124 4.30 8.44 -5.11
N ALA A 125 3.69 7.25 -5.20
CA ALA A 125 4.37 6.01 -4.87
C ALA A 125 3.72 4.85 -5.57
N TRP A 126 4.52 3.84 -5.90
CA TRP A 126 4.02 2.58 -6.44
C TRP A 126 4.47 1.43 -5.52
N ASP A 127 3.53 0.56 -5.18
CA ASP A 127 3.91 -0.76 -4.63
C ASP A 127 4.37 -1.61 -5.81
N VAL A 128 5.68 -1.59 -6.06
CA VAL A 128 6.23 -2.28 -7.24
C VAL A 128 6.20 -3.79 -7.07
N VAL A 129 6.59 -4.25 -5.87
CA VAL A 129 6.56 -5.68 -5.53
C VAL A 129 5.74 -5.82 -4.25
N ASN A 130 4.78 -6.74 -4.26
CA ASN A 130 3.91 -7.00 -3.11
C ASN A 130 4.11 -8.44 -2.67
N GLU A 131 4.21 -8.63 -1.34
CA GLU A 131 4.19 -9.95 -0.71
C GLU A 131 5.30 -10.88 -1.21
N ALA A 132 6.51 -10.35 -1.29
CA ALA A 132 7.65 -11.13 -1.78
C ALA A 132 8.22 -12.11 -0.77
N PHE A 133 7.82 -11.97 0.51
CA PHE A 133 8.42 -12.76 1.59
C PHE A 133 7.52 -13.84 2.17
N ASN A 134 8.13 -14.99 2.46
CA ASN A 134 7.50 -15.97 3.33
C ASN A 134 7.54 -15.49 4.79
N GLU A 135 6.76 -16.14 5.65
CA GLU A 135 6.75 -15.76 7.05
C GLU A 135 8.10 -15.96 7.74
N ASP A 136 8.90 -16.92 7.26
CA ASP A 136 10.22 -17.19 7.83
C ASP A 136 11.33 -16.26 7.30
N GLY A 137 10.96 -15.33 6.40
CA GLY A 137 11.90 -14.36 5.88
C GLY A 137 12.55 -14.74 4.58
N SER A 138 12.38 -15.99 4.14
CA SER A 138 12.82 -16.42 2.82
C SER A 138 11.91 -15.78 1.76
N LEU A 139 12.34 -15.79 0.51
CA LEU A 139 11.51 -15.26 -0.56
C LEU A 139 10.41 -16.26 -0.96
N ARG A 140 9.21 -15.75 -1.08
CA ARG A 140 8.03 -16.50 -1.49
C ARG A 140 8.24 -17.11 -2.87
N GLN A 141 7.90 -18.40 -2.96
CA GLN A 141 7.93 -19.15 -4.21
C GLN A 141 6.79 -18.70 -5.10
N THR A 142 7.08 -17.76 -6.01
CA THR A 142 6.10 -17.27 -6.98
C THR A 142 6.65 -17.53 -8.38
N VAL A 143 5.80 -17.38 -9.38
CA VAL A 143 6.23 -17.58 -10.76
C VAL A 143 7.44 -16.66 -11.10
N PHE A 144 7.42 -15.42 -10.60
CA PHE A 144 8.53 -14.52 -10.84
C PHE A 144 9.85 -15.05 -10.26
N LEU A 145 9.83 -15.52 -9.02
CA LEU A 145 11.04 -16.06 -8.41
C LEU A 145 11.50 -17.30 -9.14
N ASN A 146 10.56 -18.15 -9.49
CA ASN A 146 10.92 -19.45 -10.08
C ASN A 146 11.44 -19.35 -11.50
N VAL A 147 10.86 -18.45 -12.27
CA VAL A 147 11.14 -18.38 -13.70
C VAL A 147 12.20 -17.32 -14.02
N ILE A 148 12.13 -16.16 -13.37
CA ILE A 148 13.16 -15.13 -13.56
C ILE A 148 14.33 -15.32 -12.60
N GLY A 149 14.04 -15.68 -11.34
CA GLY A 149 15.09 -15.89 -10.35
C GLY A 149 15.17 -14.75 -9.36
N GLU A 150 16.22 -14.77 -8.53
CA GLU A 150 16.46 -13.71 -7.54
C GLU A 150 16.45 -12.32 -8.16
N ASP A 151 16.88 -12.24 -9.40
CA ASP A 151 17.00 -10.96 -10.10
C ASP A 151 15.64 -10.29 -10.34
N TYR A 152 14.52 -10.98 -10.12
CA TYR A 152 13.21 -10.38 -10.51
C TYR A 152 12.97 -9.10 -9.72
N ILE A 153 13.43 -9.07 -8.47
CA ILE A 153 13.22 -7.88 -7.64
C ILE A 153 14.11 -6.71 -8.11
N PRO A 154 15.45 -6.91 -8.21
CA PRO A 154 16.25 -5.90 -8.90
C PRO A 154 15.66 -5.39 -10.22
N ILE A 155 15.27 -6.32 -11.10
CA ILE A 155 14.76 -5.94 -12.41
C ILE A 155 13.46 -5.12 -12.27
N ALA A 156 12.55 -5.57 -11.42
CA ALA A 156 11.29 -4.86 -11.26
C ALA A 156 11.52 -3.41 -10.85
N PHE A 157 12.37 -3.21 -9.86
CA PHE A 157 12.64 -1.85 -9.37
C PHE A 157 13.42 -1.01 -10.37
N GLN A 158 14.42 -1.59 -11.05
CA GLN A 158 15.18 -0.81 -12.02
C GLN A 158 14.27 -0.33 -13.17
N THR A 159 13.36 -1.21 -13.57
CA THR A 159 12.40 -0.92 -14.62
C THR A 159 11.44 0.17 -14.16
N ALA A 160 10.95 0.04 -12.94
CA ALA A 160 10.06 1.07 -12.40
C ALA A 160 10.72 2.46 -12.37
N ARG A 161 11.95 2.52 -11.87
CA ARG A 161 12.67 3.79 -11.81
C ARG A 161 12.77 4.43 -13.19
N ALA A 162 13.04 3.60 -14.20
CA ALA A 162 13.20 4.09 -15.55
C ALA A 162 11.90 4.65 -16.10
N ALA A 163 10.78 4.09 -15.66
CA ALA A 163 9.45 4.47 -16.21
C ALA A 163 8.95 5.80 -15.64
N ASP A 164 9.16 6.01 -14.35
CA ASP A 164 8.75 7.28 -13.71
C ASP A 164 9.65 7.54 -12.52
N PRO A 165 10.71 8.34 -12.70
CA PRO A 165 11.65 8.61 -11.60
C PRO A 165 11.07 9.47 -10.47
N ASN A 166 9.87 10.03 -10.66
CA ASN A 166 9.24 10.85 -9.62
C ASN A 166 8.57 10.03 -8.54
N ALA A 167 8.19 8.81 -8.90
CA ALA A 167 7.44 7.99 -7.98
C ALA A 167 8.35 7.36 -6.93
N LYS A 168 7.90 7.31 -5.69
CA LYS A 168 8.60 6.56 -4.67
C LYS A 168 8.28 5.07 -4.83
N LEU A 169 9.32 4.26 -4.99
CA LEU A 169 9.18 2.84 -5.30
C LEU A 169 9.20 2.03 -4.03
N TYR A 170 8.08 1.36 -3.76
CA TYR A 170 7.92 0.58 -2.56
C TYR A 170 7.93 -0.93 -2.79
N ILE A 171 8.52 -1.62 -1.81
CA ILE A 171 8.24 -3.03 -1.56
C ILE A 171 7.24 -3.07 -0.38
N ASN A 172 6.19 -3.84 -0.55
CA ASN A 172 5.03 -3.83 0.35
C ASN A 172 4.77 -5.23 0.90
N ASP A 173 4.44 -5.35 2.19
CA ASP A 173 4.16 -6.67 2.74
C ASP A 173 3.41 -6.56 4.06
N TYR A 174 2.83 -7.70 4.46
CA TYR A 174 2.06 -7.81 5.71
C TYR A 174 2.86 -8.63 6.71
N ASN A 175 2.35 -8.63 7.95
CA ASN A 175 3.04 -9.26 9.09
C ASN A 175 4.45 -8.72 9.28
N LEU A 176 4.58 -7.39 9.11
CA LEU A 176 5.79 -6.65 9.49
C LEU A 176 5.49 -5.80 10.74
N ASP A 177 4.68 -6.36 11.64
CA ASP A 177 4.08 -5.60 12.73
C ASP A 177 4.71 -5.87 14.08
N SER A 178 5.63 -6.83 14.13
CA SER A 178 6.34 -7.17 15.34
C SER A 178 7.84 -7.17 15.09
N ALA A 179 8.59 -6.52 15.98
CA ALA A 179 10.04 -6.37 15.79
C ALA A 179 10.79 -7.68 15.97
N SER A 180 10.18 -8.65 16.66
CA SER A 180 10.81 -9.95 16.94
C SER A 180 10.48 -11.02 15.89
N TYR A 181 9.59 -10.69 14.96
CA TYR A 181 9.11 -11.64 13.96
C TYR A 181 10.11 -11.75 12.81
N PRO A 182 10.43 -12.98 12.38
CA PRO A 182 11.45 -13.17 11.35
C PRO A 182 11.22 -12.36 10.09
N LYS A 183 9.97 -12.24 9.67
CA LYS A 183 9.67 -11.55 8.42
C LYS A 183 10.10 -10.08 8.47
N THR A 184 9.87 -9.44 9.61
CA THR A 184 10.20 -8.02 9.76
C THR A 184 11.70 -7.83 9.66
N GLN A 185 12.45 -8.67 10.36
CA GLN A 185 13.90 -8.56 10.33
C GLN A 185 14.45 -8.84 8.93
N ALA A 186 13.84 -9.83 8.26
CA ALA A 186 14.31 -10.25 6.95
C ALA A 186 14.16 -9.15 5.91
N ILE A 187 12.98 -8.54 5.83
CA ILE A 187 12.79 -7.50 4.82
C ILE A 187 13.77 -6.35 5.05
N VAL A 188 14.06 -6.02 6.30
CA VAL A 188 15.04 -4.98 6.59
C VAL A 188 16.40 -5.37 6.03
N ASN A 189 16.85 -6.58 6.35
CA ASN A 189 18.16 -7.03 5.89
CA ASN A 189 18.15 -7.09 5.89
C ASN A 189 18.23 -7.03 4.36
N ARG A 190 17.20 -7.52 3.70
CA ARG A 190 17.25 -7.65 2.24
C ARG A 190 17.14 -6.28 1.57
N VAL A 191 16.32 -5.38 2.13
CA VAL A 191 16.23 -4.03 1.56
C VAL A 191 17.56 -3.28 1.72
N LYS A 192 18.21 -3.38 2.88
CA LYS A 192 19.53 -2.77 3.03
C LYS A 192 20.48 -3.28 1.93
N LYS A 193 20.49 -4.60 1.74
CA LYS A 193 21.43 -5.18 0.78
C LYS A 193 21.06 -4.85 -0.67
N TRP A 194 19.77 -4.91 -1.00
CA TRP A 194 19.33 -4.54 -2.33
C TRP A 194 19.72 -3.10 -2.64
N ARG A 195 19.47 -2.19 -1.70
CA ARG A 195 19.80 -0.80 -1.94
C ARG A 195 21.31 -0.62 -2.18
N ALA A 196 22.12 -1.33 -1.38
CA ALA A 196 23.58 -1.25 -1.52
C ALA A 196 24.04 -1.78 -2.88
N ALA A 197 23.28 -2.74 -3.41
CA ALA A 197 23.54 -3.29 -4.75
C ALA A 197 23.16 -2.35 -5.89
N GLY A 198 22.34 -1.36 -5.59
CA GLY A 198 21.86 -0.39 -6.58
C GLY A 198 20.41 -0.54 -6.96
N VAL A 199 19.66 -1.40 -6.28
CA VAL A 199 18.24 -1.54 -6.52
C VAL A 199 17.52 -0.31 -5.98
N PRO A 200 16.78 0.40 -6.83
CA PRO A 200 16.11 1.62 -6.36
C PRO A 200 14.84 1.40 -5.54
N ILE A 201 15.03 0.96 -4.31
CA ILE A 201 13.90 0.81 -3.39
C ILE A 201 13.82 2.04 -2.50
N ASP A 202 12.77 2.83 -2.68
CA ASP A 202 12.61 4.09 -1.94
C ASP A 202 11.82 3.93 -0.65
N GLY A 203 11.02 2.87 -0.57
CA GLY A 203 10.10 2.72 0.54
C GLY A 203 9.85 1.30 0.95
N ILE A 204 9.63 1.09 2.25
CA ILE A 204 9.04 -0.14 2.75
C ILE A 204 7.60 0.20 3.15
N GLY A 205 6.65 -0.54 2.58
CA GLY A 205 5.24 -0.42 2.91
C GLY A 205 4.88 -1.56 3.86
N SER A 206 4.33 -1.20 5.02
CA SER A 206 3.85 -2.20 5.97
C SER A 206 2.33 -2.19 5.94
N GLN A 207 1.74 -3.28 5.42
CA GLN A 207 0.30 -3.34 5.19
C GLN A 207 -0.49 -3.09 6.47
N THR A 208 -0.07 -3.73 7.56
CA THR A 208 -0.68 -3.49 8.88
C THR A 208 -2.15 -3.95 8.90
N HIS A 209 -2.36 -5.18 8.40
CA HIS A 209 -3.64 -5.87 8.51
C HIS A 209 -3.61 -6.60 9.85
N LEU A 210 -4.23 -6.00 10.86
CA LEU A 210 -4.08 -6.46 12.24
C LEU A 210 -5.30 -7.17 12.79
N SER A 211 -5.02 -8.09 13.71
CA SER A 211 -6.01 -8.63 14.62
C SER A 211 -5.94 -7.82 15.92
N ALA A 212 -6.93 -8.02 16.78
CA ALA A 212 -7.06 -7.21 17.96
C ALA A 212 -5.82 -7.33 18.86
N GLY A 213 -5.35 -6.19 19.33
CA GLY A 213 -4.23 -6.11 20.25
C GLY A 213 -2.87 -6.04 19.60
N GLN A 214 -2.83 -6.15 18.26
CA GLN A 214 -1.55 -6.13 17.55
C GLN A 214 -0.96 -4.73 17.33
N GLY A 215 -1.72 -3.67 17.61
CA GLY A 215 -1.20 -2.33 17.40
C GLY A 215 0.04 -2.02 18.23
N ALA A 216 0.08 -2.49 19.47
CA ALA A 216 1.19 -2.13 20.38
C ALA A 216 2.55 -2.45 19.78
N GLY A 217 2.67 -3.63 19.16
CA GLY A 217 3.98 -4.04 18.62
C GLY A 217 4.50 -3.17 17.47
N VAL A 218 3.59 -2.51 16.78
CA VAL A 218 3.98 -1.61 15.67
C VAL A 218 4.88 -0.47 16.17
N LEU A 219 4.73 -0.08 17.44
CA LEU A 219 5.60 0.95 18.02
C LEU A 219 7.09 0.59 17.92
N GLN A 220 7.42 -0.70 18.02
CA GLN A 220 8.79 -1.16 17.84
C GLN A 220 9.06 -1.61 16.40
N ALA A 221 8.06 -2.18 15.74
CA ALA A 221 8.31 -2.73 14.39
C ALA A 221 8.59 -1.64 13.36
N LEU A 222 7.88 -0.53 13.45
CA LEU A 222 8.03 0.50 12.41
C LEU A 222 9.43 1.15 12.45
N PRO A 223 9.91 1.53 13.65
CA PRO A 223 11.31 1.98 13.70
C PRO A 223 12.30 0.94 13.14
N LEU A 224 12.04 -0.34 13.40
CA LEU A 224 12.89 -1.41 12.86
C LEU A 224 12.84 -1.36 11.33
N LEU A 225 11.64 -1.28 10.75
CA LEU A 225 11.56 -1.12 9.29
C LEU A 225 12.34 0.09 8.79
N ALA A 226 12.22 1.20 9.50
CA ALA A 226 12.86 2.44 9.08
C ALA A 226 14.39 2.33 9.15
N SER A 227 14.89 1.43 9.98
CA SER A 227 16.34 1.19 10.08
C SER A 227 16.97 0.62 8.80
N ALA A 228 16.15 0.17 7.85
CA ALA A 228 16.68 -0.26 6.55
C ALA A 228 17.28 0.90 5.77
N GLY A 229 16.92 2.13 6.15
CA GLY A 229 17.48 3.33 5.53
C GLY A 229 16.81 3.77 4.25
N THR A 230 15.62 3.25 3.96
CA THR A 230 14.88 3.79 2.82
C THR A 230 14.43 5.24 3.11
N PRO A 231 14.35 6.07 2.06
CA PRO A 231 13.83 7.43 2.25
C PRO A 231 12.48 7.50 2.98
N GLU A 232 11.63 6.53 2.72
CA GLU A 232 10.27 6.50 3.27
C GLU A 232 9.93 5.13 3.83
N VAL A 233 9.06 5.15 4.84
CA VAL A 233 8.25 3.97 5.16
C VAL A 233 6.80 4.49 5.23
N ALA A 234 5.87 3.57 5.14
CA ALA A 234 4.45 3.96 5.27
C ALA A 234 3.64 2.80 5.80
N ILE A 235 2.54 3.16 6.48
CA ILE A 235 1.52 2.21 6.86
C ILE A 235 0.57 2.19 5.68
N THR A 236 0.47 1.08 4.96
CA THR A 236 -0.15 1.13 3.65
C THR A 236 -1.58 0.59 3.54
N GLU A 237 -1.99 -0.32 4.42
CA GLU A 237 -3.30 -1.00 4.30
C GLU A 237 -3.93 -1.28 5.67
N LEU A 238 -3.85 -0.29 6.54
CA LEU A 238 -4.29 -0.45 7.92
C LEU A 238 -5.76 -0.82 8.04
N ASP A 239 -5.99 -1.91 8.76
CA ASP A 239 -7.31 -2.24 9.32
C ASP A 239 -7.08 -3.12 10.56
N VAL A 240 -8.07 -3.17 11.46
CA VAL A 240 -7.85 -3.83 12.74
C VAL A 240 -9.12 -4.51 13.16
N ALA A 241 -9.08 -5.83 13.27
CA ALA A 241 -10.25 -6.58 13.75
C ALA A 241 -10.74 -5.94 15.05
N GLY A 242 -12.03 -5.59 15.10
CA GLY A 242 -12.63 -4.95 16.27
C GLY A 242 -12.48 -3.42 16.30
N ALA A 243 -11.53 -2.89 15.53
CA ALA A 243 -11.28 -1.45 15.43
C ALA A 243 -11.14 -0.74 16.78
N SER A 244 -10.40 -1.34 17.70
CA SER A 244 -10.22 -0.71 19.01
CA SER A 244 -10.18 -0.72 19.01
C SER A 244 -9.43 0.59 18.86
N PRO A 245 -9.90 1.64 19.55
CA PRO A 245 -9.09 2.85 19.63
C PRO A 245 -7.63 2.56 20.02
N THR A 246 -7.41 1.60 20.92
CA THR A 246 -6.09 1.33 21.42
C THR A 246 -5.16 0.90 20.28
N ASP A 247 -5.63 -0.02 19.45
CA ASP A 247 -4.82 -0.50 18.33
C ASP A 247 -4.55 0.61 17.31
N TYR A 248 -5.59 1.37 16.97
CA TYR A 248 -5.47 2.43 15.97
C TYR A 248 -4.54 3.55 16.45
N VAL A 249 -4.69 3.97 17.70
CA VAL A 249 -3.82 5.04 18.22
C VAL A 249 -2.35 4.58 18.26
N ASN A 250 -2.13 3.31 18.58
CA ASN A 250 -0.76 2.79 18.62
C ASN A 250 -0.13 2.88 17.22
N VAL A 251 -0.88 2.51 16.18
CA VAL A 251 -0.33 2.55 14.83
C VAL A 251 -0.04 3.99 14.40
N VAL A 252 -0.97 4.91 14.71
CA VAL A 252 -0.75 6.32 14.42
C VAL A 252 0.49 6.83 15.16
N ASN A 253 0.61 6.51 16.45
CA ASN A 253 1.80 6.95 17.22
C ASN A 253 3.09 6.39 16.65
N ALA A 254 3.06 5.17 16.13
CA ALA A 254 4.25 4.58 15.54
C ALA A 254 4.72 5.43 14.37
N CYS A 255 3.77 5.83 13.53
CA CYS A 255 4.10 6.65 12.36
C CYS A 255 4.60 8.01 12.85
N LEU A 256 3.93 8.61 13.83
CA LEU A 256 4.38 9.91 14.36
C LEU A 256 5.83 9.83 14.87
N ASN A 257 6.18 8.69 15.47
CA ASN A 257 7.50 8.51 16.09
C ASN A 257 8.63 8.27 15.10
N VAL A 258 8.28 7.94 13.86
CA VAL A 258 9.26 7.57 12.84
C VAL A 258 9.32 8.67 11.78
N SER A 259 10.46 9.36 11.71
CA SER A 259 10.61 10.53 10.87
C SER A 259 10.36 10.20 9.40
N SER A 260 10.80 9.01 8.98
CA SER A 260 10.64 8.60 7.59
C SER A 260 9.27 8.05 7.25
N CYS A 261 8.38 7.93 8.24
CA CYS A 261 7.02 7.50 7.96
C CYS A 261 6.22 8.67 7.39
N VAL A 262 5.88 8.59 6.11
CA VAL A 262 5.24 9.71 5.43
C VAL A 262 3.73 9.77 5.65
N GLY A 263 3.12 8.68 6.04
CA GLY A 263 1.68 8.70 6.21
C GLY A 263 1.08 7.32 6.35
N ILE A 264 -0.24 7.29 6.38
CA ILE A 264 -1.02 6.12 6.69
C ILE A 264 -2.16 6.04 5.70
N THR A 265 -2.39 4.84 5.20
CA THR A 265 -3.58 4.55 4.40
C THR A 265 -4.37 3.43 5.11
N VAL A 266 -5.67 3.67 5.32
CA VAL A 266 -6.58 2.68 5.90
C VAL A 266 -7.30 1.97 4.74
N TRP A 267 -7.54 0.67 4.90
CA TRP A 267 -7.93 -0.18 3.77
C TRP A 267 -9.45 -0.21 3.58
N GLY A 268 -9.99 0.97 3.29
CA GLY A 268 -11.41 1.16 3.02
C GLY A 268 -12.00 2.24 3.90
N VAL A 269 -13.25 2.61 3.63
CA VAL A 269 -13.90 3.68 4.38
C VAL A 269 -14.84 3.08 5.45
N ALA A 270 -15.92 2.42 5.03
CA ALA A 270 -16.93 1.93 5.94
C ALA A 270 -16.88 0.42 6.15
N ASP A 271 -17.09 0.01 7.40
CA ASP A 271 -17.04 -1.39 7.83
C ASP A 271 -17.64 -2.40 6.84
N PRO A 272 -18.91 -2.18 6.40
CA PRO A 272 -19.53 -3.23 5.55
C PRO A 272 -18.80 -3.49 4.24
N ASP A 273 -17.99 -2.50 3.83
CA ASP A 273 -17.27 -2.53 2.56
C ASP A 273 -15.84 -3.03 2.69
N SER A 274 -15.44 -3.41 3.90
CA SER A 274 -14.12 -3.97 4.12
C SER A 274 -14.02 -5.36 3.50
N TRP A 275 -12.83 -5.70 3.01
CA TRP A 275 -12.55 -7.09 2.65
C TRP A 275 -12.70 -8.05 3.84
N ARG A 276 -12.67 -7.51 5.06
CA ARG A 276 -12.85 -8.27 6.30
C ARG A 276 -14.04 -7.69 7.11
N ALA A 277 -15.11 -7.38 6.39
CA ALA A 277 -16.27 -6.67 6.94
C ALA A 277 -16.81 -7.25 8.25
N SER A 278 -16.90 -8.58 8.37
CA SER A 278 -17.48 -9.19 9.59
C SER A 278 -16.69 -8.83 10.85
N THR A 279 -15.43 -8.43 10.68
CA THR A 279 -14.60 -7.99 11.82
C THR A 279 -14.71 -6.50 12.12
N THR A 280 -15.61 -5.81 11.39
CA THR A 280 -15.84 -4.37 11.53
C THR A 280 -14.54 -3.58 11.85
N PRO A 281 -13.58 -3.65 10.91
CA PRO A 281 -12.20 -3.24 11.21
C PRO A 281 -11.76 -1.83 10.80
N LEU A 282 -12.74 -1.02 10.36
CA LEU A 282 -12.47 0.28 9.74
C LEU A 282 -12.91 1.42 10.65
N LEU A 283 -12.76 2.66 10.17
CA LEU A 283 -12.99 3.85 10.98
C LEU A 283 -14.37 4.48 10.86
N PHE A 284 -15.15 4.04 9.88
CA PHE A 284 -16.54 4.46 9.76
C PHE A 284 -17.44 3.24 9.81
N ASP A 285 -18.64 3.41 10.36
CA ASP A 285 -19.57 2.31 10.51
C ASP A 285 -20.49 2.20 9.27
N GLY A 286 -21.44 1.25 9.33
CA GLY A 286 -22.34 1.06 8.20
C GLY A 286 -23.32 2.21 7.95
N ASN A 287 -23.45 3.11 8.93
CA ASN A 287 -24.16 4.38 8.74
C ASN A 287 -23.29 5.51 8.18
N PHE A 288 -22.03 5.19 7.86
CA PHE A 288 -21.06 6.16 7.35
C PHE A 288 -20.74 7.23 8.39
N ASN A 289 -20.85 6.85 9.66
CA ASN A 289 -20.50 7.76 10.77
C ASN A 289 -19.15 7.35 11.35
N PRO A 290 -18.39 8.34 11.84
CA PRO A 290 -17.09 8.00 12.42
C PRO A 290 -17.27 7.16 13.68
N LYS A 291 -16.39 6.17 13.84
CA LYS A 291 -16.38 5.28 14.98
C LYS A 291 -15.46 5.82 16.08
N PRO A 292 -15.55 5.24 17.29
CA PRO A 292 -14.67 5.65 18.38
C PRO A 292 -13.18 5.74 18.00
N ALA A 293 -12.71 4.77 17.23
CA ALA A 293 -11.29 4.84 16.78
C ALA A 293 -10.96 6.08 15.93
N TYR A 294 -11.90 6.50 15.08
CA TYR A 294 -11.70 7.70 14.28
C TYR A 294 -11.52 8.92 15.22
N ASN A 295 -12.46 9.04 16.14
CA ASN A 295 -12.41 10.15 17.11
C ASN A 295 -11.11 10.10 17.94
N ALA A 296 -10.66 8.90 18.29
CA ALA A 296 -9.46 8.73 19.09
C ALA A 296 -8.23 9.16 18.31
N ILE A 297 -8.21 8.88 17.01
CA ILE A 297 -7.08 9.30 16.18
C ILE A 297 -7.04 10.83 16.10
N VAL A 298 -8.21 11.42 15.79
CA VAL A 298 -8.37 12.86 15.80
C VAL A 298 -7.80 13.49 17.09
N GLN A 299 -8.25 12.95 18.22
CA GLN A 299 -7.89 13.51 19.50
C GLN A 299 -6.38 13.39 19.75
N ASN A 300 -5.82 12.27 19.32
CA ASN A 300 -4.39 12.04 19.47
C ASN A 300 -3.57 13.02 18.63
N LEU A 301 -4.04 13.28 17.43
CA LEU A 301 -3.35 14.19 16.51
C LEU A 301 -3.46 15.65 16.92
N GLN A 302 -4.57 16.04 17.53
CA GLN A 302 -4.78 17.43 17.99
C GLN A 302 -3.74 17.88 19.02
O1 XYP B . -2.28 -8.35 1.00
C1 XYP B . -3.29 -7.42 0.75
C2 XYP B . -3.11 -6.82 -0.62
C3 XYP B . -4.36 -6.04 -1.01
C4 XYP B . -5.57 -6.93 -0.79
C5 XYP B . -5.58 -7.39 0.67
O2 XYP B . -1.95 -5.99 -0.73
O3 XYP B . -4.35 -5.62 -2.38
O4 XYP B . -6.74 -6.20 -1.12
O5 XYP B . -4.42 -8.19 0.81
C1 XYP B . -7.84 -7.08 -1.35
C2 XYP B . -9.04 -6.18 -1.59
C3 XYP B . -10.25 -7.01 -2.03
C4 XYP B . -9.88 -7.99 -3.14
C5 XYP B . -8.64 -8.78 -2.71
O2 XYP B . -9.39 -5.39 -0.46
O3 XYP B . -11.27 -6.10 -2.42
O4 XYP B . -10.97 -8.85 -3.42
O5 XYP B . -7.58 -7.87 -2.46
C5 AHR B . -15.11 -8.10 -3.89
C4 AHR B . -14.17 -6.95 -3.49
O4 AHR B . -13.21 -7.43 -2.53
C3 AHR B . -14.75 -5.72 -2.78
O3 AHR B . -15.38 -4.73 -3.59
C2 AHR B . -13.49 -5.10 -2.19
O2 AHR B . -13.77 -4.42 -0.98
C1 AHR B . -12.54 -6.28 -2.00
C4 FER C . -12.18 -16.21 -6.09
C5 FER C . -12.98 -16.29 -4.96
C6 FER C . -13.59 -15.16 -4.44
C3 FER C . -11.98 -14.89 -6.74
C2 FER C . -12.62 -13.77 -6.19
C1 FER C . -13.40 -13.91 -5.02
C10 FER C . -10.36 -13.67 -8.17
C7 FER C . -14.10 -12.76 -4.37
C8 FER C . -13.93 -11.48 -4.73
C9 FER C . -14.64 -10.39 -4.01
O1 FER C . -15.54 -10.68 -3.18
O2 FER C . -14.38 -9.18 -4.29
O4 FER C . -11.60 -17.34 -6.58
O3 FER C . -11.19 -14.81 -7.88
#